data_7MDP
#
_entry.id   7MDP
#
_cell.length_a   149.365
_cell.length_b   68.919
_cell.length_c   100.543
_cell.angle_alpha   90.000
_cell.angle_beta   114.290
_cell.angle_gamma   90.000
#
_symmetry.space_group_name_H-M   'C 1 2 1'
#
loop_
_entity.id
_entity.type
_entity.pdbx_description
1 polymer 'Isoform 2B of GTPase KRas'
2 polymer 'IgG heavy chain'
3 polymer 'IgG light chain'
4 non-polymer 4-(trifluoromethyl)-1,3-benzothiazol-2-amine
5 non-polymer "GUANOSINE-5'-DIPHOSPHATE"
6 non-polymer 'MAGNESIUM ION'
7 non-polymer 'ACETATE ION'
8 non-polymer 'CACODYLIC ACID'
9 non-polymer 2,5,8,11,14,17-HEXAOXANONADECAN-19-OL
10 non-polymer 1,2-ETHANEDIOL
11 non-polymer 'DIMETHYL SULFOXIDE'
12 water water
#
loop_
_entity_poly.entity_id
_entity_poly.type
_entity_poly.pdbx_seq_one_letter_code
_entity_poly.pdbx_strand_id
1 'polypeptide(L)'
;MTEYKLVVVGACGVGKSALTIQLIQNHFVDEYDPTIEDSYRKQVVIDGETCLLDILDTAGQEEYSAMRDQYMRTGEGFLC
VFAINNTKSFEDIHHYREQIKRVKDSEDVPMVLVGNKCDLPSRTVDTKQAQDLARSYGIPFIETSAKTRQGVDDAFYTLV
REIRKHKEK
;
A
2 'polypeptide(L)'
;EVQLQESGPGLVKPPGTLSLTCAVSGGSISSSNWWSWVRQPPGKGLEWIGEIYHSGSTNYNPSLKSRVTISVDKSKNQFS
LKLSSVTAADTAVYYCARGSSSWYDLGPFDYWGQGTLVTVSSASTKGPSVFPLAPSSKSTSGGTAALGCLVKDYFPEPVT
VSWNSGALTSGVHTFPAVLQSSGLYSLSSVVTVPSSSLGTQTYICNVNHKPSNTKVDKKVEPKSCD
;
H
3 'polypeptide(L)'
;SVLTQPPSASGTPGQRVTISCSGSSSNIGSNYVYWYQQLPGTAPKLLIYRNNQRPSGVPDRFSGSKSGTSASLAISGLRS
EDEADYYCAAWDERLSGWVFGGGTKLTVLGQPKAAPSVTLFPPSSEELQANKATLVCLISDFYPGAVTVAWKADSSPVKA
GVETTTPSKQSNNKYAASSYLSLTPEQWKSHRSYSCQVTHEGSTVEKTVAPTECS
;
I
#
# COMPACT_ATOMS: atom_id res chain seq x y z
N MET A 1 7.08 -9.63 35.32
CA MET A 1 7.62 -9.16 34.04
C MET A 1 6.96 -7.86 33.60
N THR A 2 7.62 -6.74 33.88
CA THR A 2 7.03 -5.43 33.69
C THR A 2 7.43 -4.83 32.35
N GLU A 3 6.50 -4.06 31.78
CA GLU A 3 6.67 -3.43 30.47
C GLU A 3 7.09 -1.98 30.69
N TYR A 4 8.25 -1.61 30.16
CA TYR A 4 8.77 -0.25 30.27
C TYR A 4 8.93 0.34 28.88
N LYS A 5 8.37 1.53 28.67
CA LYS A 5 8.41 2.19 27.37
C LYS A 5 9.41 3.35 27.44
N LEU A 6 10.50 3.25 26.66
CA LEU A 6 11.55 4.24 26.62
C LEU A 6 11.62 4.86 25.24
N VAL A 7 11.67 6.19 25.19
CA VAL A 7 11.81 6.93 23.94
C VAL A 7 13.20 7.53 23.89
N VAL A 8 14.00 7.13 22.92
CA VAL A 8 15.33 7.70 22.71
C VAL A 8 15.18 8.86 21.74
N VAL A 9 15.47 10.08 22.22
CA VAL A 9 15.36 11.28 21.42
C VAL A 9 16.72 11.96 21.34
N GLY A 10 16.84 12.89 20.42
CA GLY A 10 18.10 13.60 20.20
C GLY A 10 18.18 14.12 18.78
N ALA A 11 19.07 15.07 18.57
CA ALA A 11 19.20 15.74 17.29
C ALA A 11 19.92 14.85 16.29
N CYS A 12 19.99 15.33 15.04
CA CYS A 12 20.45 14.50 13.94
C CYS A 12 21.92 14.14 14.11
N GLY A 13 22.19 12.83 14.19
CA GLY A 13 23.54 12.32 14.16
C GLY A 13 24.15 11.97 15.50
N VAL A 14 23.40 12.10 16.61
CA VAL A 14 24.00 11.99 17.93
C VAL A 14 24.33 10.54 18.29
N GLY A 15 23.61 9.57 17.73
CA GLY A 15 23.89 8.18 18.01
C GLY A 15 22.69 7.42 18.57
N LYS A 16 21.49 7.95 18.34
CA LYS A 16 20.29 7.31 18.88
C LYS A 16 20.18 5.86 18.40
N SER A 17 20.24 5.65 17.09
CA SER A 17 20.19 4.30 16.55
C SER A 17 21.40 3.48 17.01
N ALA A 18 22.58 4.09 16.98
CA ALA A 18 23.78 3.36 17.40
C ALA A 18 23.63 2.84 18.82
N LEU A 19 23.18 3.71 19.73
CA LEU A 19 22.98 3.32 21.13
C LEU A 19 21.92 2.24 21.25
N THR A 20 20.82 2.37 20.53
CA THR A 20 19.73 1.40 20.65
C THR A 20 20.16 0.05 20.13
N ILE A 21 20.77 0.01 18.94
CA ILE A 21 21.20 -1.25 18.35
C ILE A 21 22.21 -1.95 19.25
N GLN A 22 23.09 -1.18 19.90
CA GLN A 22 24.01 -1.77 20.86
C GLN A 22 23.26 -2.48 21.97
N LEU A 23 22.25 -1.82 22.53
CA LEU A 23 21.46 -2.45 23.59
C LEU A 23 20.77 -3.70 23.09
N ILE A 24 20.13 -3.63 21.92
CA ILE A 24 19.34 -4.75 21.43
C ILE A 24 20.25 -5.87 20.92
N GLN A 25 21.19 -5.54 20.02
CA GLN A 25 21.88 -6.55 19.23
C GLN A 25 23.37 -6.68 19.53
N ASN A 26 23.91 -5.92 20.48
CA ASN A 26 25.28 -6.09 20.97
C ASN A 26 26.33 -5.95 19.87
N HIS A 27 26.12 -5.04 18.93
CA HIS A 27 27.16 -4.69 17.98
C HIS A 27 26.97 -3.24 17.55
N PHE A 28 28.03 -2.67 16.96
CA PHE A 28 28.08 -1.26 16.63
C PHE A 28 27.83 -1.08 15.13
N VAL A 29 26.76 -0.35 14.81
CA VAL A 29 26.41 0.00 13.44
C VAL A 29 26.91 1.41 13.19
N ASP A 30 28.00 1.56 12.42
CA ASP A 30 28.58 2.88 12.20
C ASP A 30 27.88 3.67 11.10
N GLU A 31 26.84 3.11 10.49
CA GLU A 31 26.07 3.82 9.47
C GLU A 31 24.71 3.15 9.35
N TYR A 32 23.65 3.90 9.62
CA TYR A 32 22.30 3.35 9.62
C TYR A 32 21.34 4.39 9.10
N ASP A 33 20.46 3.97 8.18
CA ASP A 33 19.46 4.83 7.52
C ASP A 33 18.82 5.77 8.53
N PRO A 34 19.15 7.06 8.47
CA PRO A 34 18.69 8.00 9.50
C PRO A 34 17.19 8.27 9.45
N THR A 35 16.48 7.82 8.42
CA THR A 35 15.03 8.02 8.39
C THR A 35 14.29 6.96 9.19
N ILE A 36 14.93 5.86 9.52
CA ILE A 36 14.26 4.69 10.09
C ILE A 36 13.92 4.95 11.55
N GLU A 37 12.63 5.08 11.85
CA GLU A 37 12.11 5.17 13.21
C GLU A 37 11.36 3.87 13.50
N ASP A 38 11.87 3.09 14.45
CA ASP A 38 11.30 1.80 14.79
C ASP A 38 11.15 1.68 16.30
N SER A 39 10.31 0.73 16.71
CA SER A 39 10.26 0.28 18.09
C SER A 39 10.99 -1.06 18.19
N TYR A 40 11.69 -1.26 19.30
CA TYR A 40 12.36 -2.53 19.55
C TYR A 40 11.96 -3.05 20.92
N ARG A 41 12.16 -4.35 21.10
CA ARG A 41 11.80 -5.02 22.34
C ARG A 41 12.99 -5.82 22.83
N LYS A 42 13.27 -5.73 24.13
CA LYS A 42 14.36 -6.50 24.74
C LYS A 42 13.97 -6.87 26.15
N GLN A 43 14.28 -8.12 26.53
CA GLN A 43 14.07 -8.62 27.87
C GLN A 43 15.40 -8.63 28.61
N VAL A 44 15.45 -7.98 29.77
CA VAL A 44 16.68 -7.86 30.55
C VAL A 44 16.36 -7.99 32.04
N VAL A 45 17.36 -8.41 32.81
CA VAL A 45 17.29 -8.43 34.26
C VAL A 45 17.97 -7.16 34.78
N ILE A 46 17.20 -6.33 35.48
CA ILE A 46 17.69 -5.09 36.07
C ILE A 46 17.36 -5.14 37.56
N ASP A 47 18.39 -5.26 38.40
CA ASP A 47 18.24 -5.42 39.84
C ASP A 47 17.38 -6.63 40.18
N GLY A 48 17.69 -7.76 39.53
CA GLY A 48 16.99 -9.01 39.79
C GLY A 48 15.55 -9.04 39.35
N GLU A 49 15.12 -8.11 38.49
CA GLU A 49 13.74 -8.03 38.02
C GLU A 49 13.73 -8.18 36.50
N THR A 50 12.97 -9.16 36.01
CA THR A 50 12.82 -9.34 34.57
C THR A 50 12.00 -8.20 34.00
N CYS A 51 12.59 -7.47 33.05
CA CYS A 51 11.98 -6.29 32.46
C CYS A 51 11.68 -6.52 30.99
N LEU A 52 10.58 -5.95 30.54
CA LEU A 52 10.24 -5.88 29.12
C LEU A 52 10.47 -4.45 28.68
N LEU A 53 11.45 -4.25 27.81
CA LEU A 53 11.81 -2.92 27.33
C LEU A 53 11.19 -2.69 25.96
N ASP A 54 10.43 -1.61 25.84
CA ASP A 54 9.92 -1.14 24.57
C ASP A 54 10.64 0.17 24.29
N ILE A 55 11.66 0.11 23.44
CA ILE A 55 12.47 1.27 23.10
C ILE A 55 12.03 1.79 21.74
N LEU A 56 11.68 3.08 21.70
CA LEU A 56 11.37 3.77 20.45
C LEU A 56 12.58 4.61 20.08
N ASP A 57 13.26 4.20 19.01
CA ASP A 57 14.39 4.95 18.45
C ASP A 57 13.82 5.98 17.49
N THR A 58 13.68 7.21 17.98
CA THR A 58 13.10 8.28 17.16
C THR A 58 14.08 8.70 16.09
N ALA A 59 13.53 9.18 14.98
CA ALA A 59 14.35 9.60 13.86
C ALA A 59 13.63 10.67 13.05
N GLY A 60 12.31 10.51 12.88
CA GLY A 60 11.52 11.42 12.07
C GLY A 60 11.71 12.90 12.34
N GLN A 61 11.28 13.74 11.39
CA GLN A 61 11.39 15.17 11.55
C GLN A 61 10.67 15.61 12.81
N GLU A 62 11.26 16.58 13.51
CA GLU A 62 10.72 17.07 14.78
C GLU A 62 9.39 17.78 14.56
N GLU A 63 8.40 17.07 14.00
CA GLU A 63 7.08 17.60 13.73
C GLU A 63 6.19 17.47 14.98
N TYR A 64 5.24 18.39 15.09
CA TYR A 64 4.38 18.50 16.27
C TYR A 64 2.95 18.22 15.85
N SER A 65 2.60 16.95 15.81
CA SER A 65 1.29 16.46 15.40
C SER A 65 0.62 15.78 16.59
N ALA A 66 -0.71 15.70 16.52
CA ALA A 66 -1.46 15.03 17.58
C ALA A 66 -1.07 13.56 17.68
N MET A 67 -0.83 12.90 16.55
CA MET A 67 -0.38 11.51 16.57
C MET A 67 1.01 11.43 17.20
N ARG A 68 1.94 12.26 16.71
CA ARG A 68 3.28 12.28 17.31
C ARG A 68 3.23 12.63 18.79
N ASP A 69 2.24 13.43 19.20
CA ASP A 69 2.14 13.81 20.61
C ASP A 69 1.79 12.61 21.49
N GLN A 70 0.76 11.84 21.09
CA GLN A 70 0.42 10.64 21.85
C GLN A 70 1.34 9.48 21.54
N TYR A 71 2.00 9.48 20.37
CA TYR A 71 3.02 8.49 20.11
C TYR A 71 4.17 8.63 21.09
N MET A 72 4.60 9.88 21.35
CA MET A 72 5.62 10.13 22.36
C MET A 72 5.06 9.93 23.76
N ARG A 73 3.80 10.32 23.97
CA ARG A 73 3.19 10.26 25.30
C ARG A 73 3.15 8.84 25.84
N THR A 74 3.16 7.83 24.97
CA THR A 74 3.20 6.45 25.44
C THR A 74 4.50 6.15 26.19
N GLY A 75 5.57 6.90 25.91
CA GLY A 75 6.82 6.66 26.59
C GLY A 75 6.75 7.01 28.06
N GLU A 76 7.37 6.16 28.89
CA GLU A 76 7.46 6.40 30.31
C GLU A 76 8.76 7.10 30.69
N GLY A 77 9.83 6.83 29.96
CA GLY A 77 11.09 7.51 30.16
C GLY A 77 11.70 7.88 28.83
N PHE A 78 12.57 8.89 28.87
CA PHE A 78 13.16 9.45 27.66
C PHE A 78 14.67 9.51 27.84
N LEU A 79 15.40 8.86 26.94
CA LEU A 79 16.84 9.09 26.83
C LEU A 79 17.06 10.34 25.98
N CYS A 80 17.52 11.41 26.62
CA CYS A 80 17.86 12.63 25.90
C CYS A 80 19.35 12.57 25.57
N VAL A 81 19.65 12.48 24.28
CA VAL A 81 20.99 12.16 23.80
C VAL A 81 21.54 13.35 23.04
N PHE A 82 22.73 13.78 23.43
CA PHE A 82 23.52 14.70 22.65
C PHE A 82 24.88 14.06 22.42
N ALA A 83 25.61 14.57 21.42
CA ALA A 83 26.97 14.13 21.16
C ALA A 83 27.92 15.14 21.80
N ILE A 84 28.93 14.63 22.52
CA ILE A 84 29.84 15.49 23.26
C ILE A 84 30.64 16.40 22.34
N ASN A 85 30.76 16.06 21.06
CA ASN A 85 31.47 16.90 20.10
C ASN A 85 30.51 17.67 19.19
N ASN A 86 29.31 17.95 19.68
CA ASN A 86 28.27 18.63 18.90
C ASN A 86 27.55 19.57 19.85
N THR A 87 27.97 20.84 19.86
CA THR A 87 27.38 21.78 20.80
C THR A 87 25.91 22.05 20.48
N LYS A 88 25.56 22.12 19.20
CA LYS A 88 24.18 22.44 18.84
C LYS A 88 23.22 21.38 19.35
N SER A 89 23.67 20.11 19.40
CA SER A 89 22.83 19.06 19.98
C SER A 89 22.62 19.29 21.48
N PHE A 90 23.66 19.71 22.20
CA PHE A 90 23.52 19.97 23.62
C PHE A 90 22.58 21.14 23.86
N GLU A 91 22.69 22.18 23.03
CA GLU A 91 21.74 23.29 23.12
C GLU A 91 20.34 22.84 22.80
N ASP A 92 20.18 21.81 21.96
CA ASP A 92 18.86 21.29 21.67
C ASP A 92 18.24 20.61 22.89
N ILE A 93 19.08 20.06 23.78
CA ILE A 93 18.59 19.27 24.92
C ILE A 93 17.55 20.05 25.71
N HIS A 94 17.67 21.37 25.75
CA HIS A 94 16.66 22.19 26.42
C HIS A 94 15.30 22.03 25.74
N HIS A 95 15.24 22.29 24.43
CA HIS A 95 13.96 22.24 23.72
C HIS A 95 13.33 20.86 23.82
N TYR A 96 14.15 19.80 23.78
CA TYR A 96 13.61 18.45 23.88
C TYR A 96 12.89 18.25 25.21
N ARG A 97 13.50 18.65 26.32
CA ARG A 97 12.80 18.57 27.60
C ARG A 97 11.50 19.33 27.56
N GLU A 98 11.48 20.48 26.88
CA GLU A 98 10.26 21.28 26.78
C GLU A 98 9.14 20.48 26.14
N GLN A 99 9.41 19.85 25.00
CA GLN A 99 8.39 19.04 24.36
C GLN A 99 8.01 17.84 25.21
N ILE A 100 8.98 17.27 25.94
CA ILE A 100 8.67 16.14 26.81
C ILE A 100 7.73 16.56 27.93
N LYS A 101 8.01 17.71 28.57
CA LYS A 101 7.15 18.18 29.65
C LYS A 101 5.77 18.57 29.13
N ARG A 102 5.65 18.96 27.87
CA ARG A 102 4.35 19.39 27.35
C ARG A 102 3.41 18.22 27.14
N VAL A 103 3.80 17.27 26.27
CA VAL A 103 2.91 16.15 25.95
C VAL A 103 2.65 15.28 27.18
N LYS A 104 3.62 15.18 28.09
CA LYS A 104 3.43 14.42 29.31
C LYS A 104 2.70 15.20 30.39
N ASP A 105 2.56 16.52 30.22
CA ASP A 105 1.89 17.41 31.18
C ASP A 105 2.44 17.18 32.59
N SER A 106 3.74 17.45 32.74
CA SER A 106 4.43 17.21 34.00
C SER A 106 5.78 17.89 33.98
N GLU A 107 6.20 18.40 35.14
CA GLU A 107 7.56 18.88 35.34
C GLU A 107 8.47 17.80 35.92
N ASP A 108 7.94 16.59 36.14
CA ASP A 108 8.70 15.49 36.75
C ASP A 108 8.48 14.22 35.91
N VAL A 109 9.10 14.20 34.73
CA VAL A 109 9.04 13.06 33.82
C VAL A 109 10.39 12.34 33.90
N PRO A 110 10.42 11.01 33.95
CA PRO A 110 11.70 10.29 34.06
C PRO A 110 12.58 10.49 32.84
N MET A 111 13.75 11.10 33.05
CA MET A 111 14.70 11.34 31.98
C MET A 111 16.09 10.91 32.41
N VAL A 112 16.95 10.67 31.42
CA VAL A 112 18.38 10.47 31.62
C VAL A 112 19.10 11.22 30.51
N LEU A 113 20.02 12.11 30.89
CA LEU A 113 20.82 12.85 29.92
C LEU A 113 22.02 12.01 29.51
N VAL A 114 22.19 11.82 28.21
CA VAL A 114 23.22 10.94 27.66
C VAL A 114 24.16 11.74 26.78
N GLY A 115 25.42 11.82 27.18
CA GLY A 115 26.45 12.31 26.29
C GLY A 115 27.04 11.14 25.55
N ASN A 116 26.88 11.12 24.22
CA ASN A 116 27.34 9.99 23.43
C ASN A 116 28.64 10.32 22.72
N LYS A 117 29.26 9.27 22.17
CA LYS A 117 30.54 9.39 21.48
C LYS A 117 31.63 9.86 22.43
N CYS A 118 31.60 9.35 23.67
CA CYS A 118 32.61 9.70 24.66
C CYS A 118 33.91 8.92 24.47
N ASP A 119 34.02 8.13 23.40
CA ASP A 119 35.28 7.52 22.97
C ASP A 119 36.14 8.45 22.14
N LEU A 120 35.65 9.65 21.83
CA LEU A 120 36.33 10.51 20.88
C LEU A 120 37.61 11.10 21.49
N PRO A 121 38.61 11.40 20.65
CA PRO A 121 39.83 12.04 21.16
C PRO A 121 39.61 13.45 21.69
N SER A 122 38.75 14.22 21.04
CA SER A 122 38.44 15.58 21.47
C SER A 122 36.96 15.65 21.86
N ARG A 123 36.50 16.85 22.20
CA ARG A 123 35.10 17.13 22.47
C ARG A 123 34.91 18.64 22.59
N THR A 124 33.69 19.09 22.31
CA THR A 124 33.33 20.49 22.41
C THR A 124 32.34 20.76 23.54
N VAL A 125 31.95 19.72 24.28
CA VAL A 125 31.05 19.85 25.43
C VAL A 125 31.71 19.16 26.62
N ASP A 126 32.00 19.92 27.67
CA ASP A 126 32.67 19.36 28.83
C ASP A 126 31.65 18.75 29.80
N THR A 127 32.12 17.78 30.57
CA THR A 127 31.23 17.04 31.46
C THR A 127 30.58 17.95 32.49
N LYS A 128 31.36 18.88 33.06
CA LYS A 128 30.84 19.74 34.11
C LYS A 128 29.61 20.51 33.63
N GLN A 129 29.62 20.93 32.37
CA GLN A 129 28.51 21.71 31.84
C GLN A 129 27.22 20.88 31.79
N ALA A 130 27.34 19.63 31.33
CA ALA A 130 26.16 18.77 31.23
C ALA A 130 25.62 18.39 32.59
N GLN A 131 26.51 18.13 33.56
CA GLN A 131 26.07 17.80 34.91
C GLN A 131 25.32 18.96 35.54
N ASP A 132 25.75 20.19 35.27
CA ASP A 132 25.00 21.37 35.68
C ASP A 132 23.59 21.32 35.11
N LEU A 133 23.47 21.15 33.79
CA LEU A 133 22.16 21.05 33.17
C LEU A 133 21.37 19.87 33.70
N ALA A 134 22.06 18.77 34.06
CA ALA A 134 21.35 17.62 34.61
C ALA A 134 20.81 17.92 35.99
N ARG A 135 21.65 18.52 36.86
CA ARG A 135 21.17 18.95 38.16
C ARG A 135 20.02 19.93 38.02
N SER A 136 20.20 20.99 37.23
CA SER A 136 19.15 21.99 37.02
C SER A 136 17.86 21.36 36.50
N TYR A 137 17.91 20.11 36.05
CA TYR A 137 16.73 19.37 35.65
C TYR A 137 16.31 18.30 36.65
N GLY A 138 17.21 17.90 37.55
CA GLY A 138 16.89 16.86 38.52
C GLY A 138 16.93 15.46 37.95
N ILE A 139 17.81 15.21 36.98
CA ILE A 139 17.87 13.95 36.24
C ILE A 139 19.32 13.46 36.23
N PRO A 140 19.52 12.17 36.02
CA PRO A 140 20.90 11.65 35.89
C PRO A 140 21.55 12.13 34.60
N PHE A 141 22.87 11.96 34.55
CA PHE A 141 23.66 12.22 33.34
C PHE A 141 24.69 11.12 33.17
N ILE A 142 24.70 10.48 32.00
CA ILE A 142 25.59 9.37 31.70
C ILE A 142 26.33 9.67 30.41
N GLU A 143 27.65 9.47 30.43
CA GLU A 143 28.44 9.49 29.21
C GLU A 143 28.50 8.08 28.63
N THR A 144 28.20 7.96 27.34
CA THR A 144 28.16 6.68 26.67
C THR A 144 29.02 6.70 25.43
N SER A 145 29.38 5.50 24.97
CA SER A 145 30.02 5.31 23.68
C SER A 145 29.36 4.11 23.01
N ALA A 146 28.48 4.38 22.05
CA ALA A 146 27.91 3.29 21.26
C ALA A 146 28.97 2.53 20.48
N LYS A 147 30.16 3.13 20.29
CA LYS A 147 31.22 2.45 19.54
C LYS A 147 31.91 1.37 20.36
N THR A 148 31.96 1.53 21.68
CA THR A 148 32.64 0.57 22.55
C THR A 148 31.74 -0.06 23.61
N ARG A 149 30.46 0.32 23.68
CA ARG A 149 29.45 -0.11 24.64
C ARG A 149 29.62 0.56 26.01
N GLN A 150 30.58 1.48 26.18
CA GLN A 150 30.79 2.19 27.44
C GLN A 150 29.51 2.84 27.93
N GLY A 151 29.00 2.36 29.06
CA GLY A 151 27.87 3.00 29.70
C GLY A 151 26.53 2.83 29.00
N VAL A 152 26.46 2.04 27.93
CA VAL A 152 25.19 1.88 27.22
C VAL A 152 24.14 1.25 28.14
N ASP A 153 24.48 0.12 28.76
CA ASP A 153 23.55 -0.49 29.72
C ASP A 153 23.27 0.46 30.86
N ASP A 154 24.33 1.08 31.38
CA ASP A 154 24.19 2.06 32.46
C ASP A 154 23.13 3.10 32.11
N ALA A 155 23.19 3.64 30.89
CA ALA A 155 22.27 4.69 30.48
C ALA A 155 20.83 4.18 30.44
N PHE A 156 20.60 3.09 29.69
CA PHE A 156 19.23 2.58 29.55
C PHE A 156 18.69 2.11 30.88
N TYR A 157 19.47 1.28 31.60
CA TYR A 157 18.99 0.75 32.88
C TYR A 157 18.68 1.87 33.86
N THR A 158 19.46 2.95 33.83
CA THR A 158 19.21 4.08 34.73
C THR A 158 17.87 4.73 34.42
N LEU A 159 17.50 4.84 33.13
CA LEU A 159 16.18 5.34 32.79
C LEU A 159 15.09 4.46 33.38
N VAL A 160 15.31 3.14 33.41
CA VAL A 160 14.33 2.22 34.00
C VAL A 160 14.16 2.51 35.49
N ARG A 161 15.26 2.67 36.20
CA ARG A 161 15.19 2.96 37.63
C ARG A 161 14.50 4.29 37.89
N GLU A 162 14.74 5.28 37.03
CA GLU A 162 14.03 6.55 37.14
C GLU A 162 12.53 6.37 36.87
N ILE A 163 12.16 5.39 36.04
CA ILE A 163 10.75 5.10 35.84
C ILE A 163 10.15 4.40 37.06
N ARG A 164 10.88 3.45 37.64
CA ARG A 164 10.43 2.79 38.86
C ARG A 164 10.08 3.82 39.93
N LYS A 165 11.06 4.66 40.27
CA LYS A 165 10.92 5.67 41.31
C LYS A 165 9.80 6.66 41.04
N HIS A 166 9.26 6.70 39.81
CA HIS A 166 8.11 7.53 39.53
C HIS A 166 6.80 6.90 39.98
N LYS A 167 6.82 5.68 40.51
CA LYS A 167 5.62 5.11 41.12
C LYS A 167 5.98 4.09 42.21
N GLU B 1 9.46 6.22 6.59
CA GLU B 1 8.47 5.23 7.00
C GLU B 1 8.70 3.92 6.26
N VAL B 2 8.31 2.81 6.90
CA VAL B 2 8.62 1.50 6.36
C VAL B 2 7.87 1.27 5.05
N GLN B 3 8.47 0.47 4.18
CA GLN B 3 7.91 0.22 2.87
C GLN B 3 8.16 -1.24 2.51
N LEU B 4 7.12 -1.88 1.98
CA LEU B 4 7.12 -3.29 1.68
C LEU B 4 6.85 -3.49 0.20
N GLN B 5 7.45 -4.52 -0.39
CA GLN B 5 7.24 -4.82 -1.80
C GLN B 5 7.27 -6.31 -2.02
N GLU B 6 6.18 -6.84 -2.59
CA GLU B 6 6.05 -8.26 -2.86
C GLU B 6 6.68 -8.59 -4.22
N SER B 7 7.14 -9.82 -4.35
CA SER B 7 7.64 -10.27 -5.64
C SER B 7 7.56 -11.79 -5.65
N GLY B 8 7.04 -12.32 -6.76
CA GLY B 8 6.89 -13.75 -6.90
C GLY B 8 6.37 -14.10 -8.27
N PRO B 9 6.33 -15.39 -8.58
CA PRO B 9 5.85 -15.81 -9.90
C PRO B 9 4.41 -15.39 -10.08
N GLY B 10 4.11 -14.80 -11.23
CA GLY B 10 2.75 -14.39 -11.52
C GLY B 10 1.83 -15.57 -11.73
N LEU B 11 2.39 -16.70 -12.16
CA LEU B 11 1.61 -17.88 -12.50
C LEU B 11 2.18 -19.08 -11.78
N VAL B 12 1.30 -19.87 -11.17
CA VAL B 12 1.67 -21.12 -10.52
C VAL B 12 0.75 -22.21 -11.04
N LYS B 13 1.33 -23.33 -11.46
CA LYS B 13 0.58 -24.47 -11.96
C LYS B 13 0.18 -25.37 -10.79
N PRO B 14 -1.07 -25.84 -10.76
CA PRO B 14 -1.55 -26.64 -9.61
C PRO B 14 -0.71 -27.89 -9.43
N PRO B 15 -1.00 -28.69 -8.36
CA PRO B 15 0.03 -29.19 -7.43
C PRO B 15 1.13 -28.25 -6.93
N GLY B 16 1.56 -27.24 -7.69
CA GLY B 16 2.79 -26.51 -7.36
C GLY B 16 2.68 -25.63 -6.11
N THR B 17 3.82 -25.05 -5.73
CA THR B 17 3.93 -24.23 -4.53
C THR B 17 4.09 -22.78 -4.90
N LEU B 18 3.19 -21.93 -4.39
CA LEU B 18 3.34 -20.49 -4.52
C LEU B 18 4.44 -20.02 -3.59
N SER B 19 5.37 -19.23 -4.11
CA SER B 19 6.44 -18.70 -3.28
C SER B 19 6.55 -17.20 -3.49
N LEU B 20 6.37 -16.42 -2.43
CA LEU B 20 6.50 -14.97 -2.52
C LEU B 20 7.52 -14.47 -1.50
N THR B 21 8.05 -13.29 -1.78
CA THR B 21 9.03 -12.62 -0.93
C THR B 21 8.62 -11.17 -0.76
N CYS B 22 8.72 -10.68 0.45
CA CYS B 22 8.42 -9.29 0.76
C CYS B 22 9.72 -8.59 1.13
N ALA B 23 10.19 -7.69 0.28
CA ALA B 23 11.35 -6.88 0.60
C ALA B 23 10.91 -5.67 1.41
N VAL B 24 11.59 -5.43 2.53
CA VAL B 24 11.21 -4.40 3.48
C VAL B 24 12.36 -3.41 3.58
N SER B 25 12.06 -2.14 3.36
CA SER B 25 13.05 -1.09 3.56
C SER B 25 12.46 0.01 4.44
N GLY B 26 13.32 0.94 4.85
CA GLY B 26 12.87 1.99 5.73
C GLY B 26 12.44 1.52 7.09
N GLY B 27 12.80 0.30 7.47
CA GLY B 27 12.47 -0.23 8.77
C GLY B 27 13.11 -1.59 8.94
N SER B 28 13.57 -1.91 10.14
CA SER B 28 14.23 -3.19 10.36
C SER B 28 13.20 -4.28 10.56
N ILE B 29 13.52 -5.46 10.01
CA ILE B 29 12.68 -6.62 10.27
C ILE B 29 12.70 -6.98 11.75
N SER B 30 13.75 -6.60 12.49
CA SER B 30 13.85 -6.91 13.91
C SER B 30 13.07 -5.96 14.79
N SER B 31 12.29 -5.05 14.20
CA SER B 31 11.47 -4.18 15.00
C SER B 31 10.38 -4.99 15.71
N SER B 32 9.73 -4.35 16.69
CA SER B 32 8.70 -5.02 17.48
C SER B 32 7.34 -4.82 16.83
N ASN B 33 7.18 -5.45 15.67
CA ASN B 33 5.93 -5.52 14.93
C ASN B 33 5.79 -6.92 14.38
N TRP B 34 4.62 -7.22 13.83
CA TRP B 34 4.34 -8.49 13.18
C TRP B 34 4.21 -8.29 11.68
N TRP B 35 4.74 -9.26 10.93
CA TRP B 35 4.80 -9.18 9.48
C TRP B 35 3.81 -10.20 8.90
N SER B 36 2.80 -9.69 8.20
CA SER B 36 1.66 -10.49 7.78
C SER B 36 1.64 -10.65 6.27
N TRP B 37 0.96 -11.70 5.83
CA TRP B 37 0.53 -11.84 4.46
C TRP B 37 -1.00 -11.83 4.43
N VAL B 38 -1.56 -11.10 3.48
CA VAL B 38 -3.00 -10.97 3.30
C VAL B 38 -3.27 -11.15 1.81
N ARG B 39 -4.40 -11.76 1.47
CA ARG B 39 -4.68 -11.93 0.06
C ARG B 39 -6.10 -11.48 -0.25
N GLN B 40 -6.35 -11.22 -1.53
CA GLN B 40 -7.65 -10.74 -1.96
C GLN B 40 -7.97 -11.30 -3.34
N PRO B 41 -8.87 -12.29 -3.45
CA PRO B 41 -9.31 -12.71 -4.76
C PRO B 41 -9.89 -11.53 -5.52
N PRO B 42 -9.67 -11.46 -6.83
CA PRO B 42 -10.15 -10.29 -7.58
C PRO B 42 -11.64 -10.12 -7.41
N GLY B 43 -12.05 -8.90 -7.06
CA GLY B 43 -13.44 -8.61 -6.82
C GLY B 43 -14.00 -9.05 -5.49
N LYS B 44 -13.25 -9.80 -4.70
CA LYS B 44 -13.76 -10.29 -3.44
C LYS B 44 -13.04 -9.59 -2.28
N GLY B 45 -13.18 -10.14 -1.08
CA GLY B 45 -12.73 -9.48 0.12
C GLY B 45 -11.36 -9.96 0.58
N LEU B 46 -10.89 -9.32 1.64
CA LEU B 46 -9.59 -9.65 2.21
C LEU B 46 -9.64 -10.93 3.04
N GLU B 47 -8.52 -11.66 3.03
CA GLU B 47 -8.37 -12.86 3.81
C GLU B 47 -6.96 -12.86 4.40
N TRP B 48 -6.86 -12.91 5.72
CA TRP B 48 -5.56 -13.00 6.36
C TRP B 48 -4.95 -14.37 6.11
N ILE B 49 -3.66 -14.38 5.80
CA ILE B 49 -2.93 -15.63 5.58
C ILE B 49 -2.19 -16.05 6.83
N GLY B 50 -1.31 -15.18 7.33
CA GLY B 50 -0.57 -15.50 8.55
C GLY B 50 0.40 -14.39 8.86
N GLU B 51 1.13 -14.57 9.96
CA GLU B 51 2.07 -13.53 10.38
C GLU B 51 3.27 -14.17 11.03
N ILE B 52 4.37 -13.42 11.07
CA ILE B 52 5.60 -13.88 11.68
C ILE B 52 6.23 -12.72 12.46
N TYR B 53 6.86 -13.06 13.58
CA TYR B 53 7.68 -12.15 14.35
C TYR B 53 9.14 -12.43 14.02
N HIS B 54 10.01 -11.45 14.27
CA HIS B 54 11.41 -11.60 13.85
C HIS B 54 12.11 -12.76 14.54
N SER B 55 11.65 -13.17 15.72
CA SER B 55 12.25 -14.30 16.43
C SER B 55 11.92 -15.63 15.77
N GLY B 56 10.88 -15.68 14.94
CA GLY B 56 10.51 -16.88 14.24
C GLY B 56 9.11 -17.38 14.54
N SER B 57 8.44 -16.87 15.57
CA SER B 57 7.10 -17.32 15.89
C SER B 57 6.13 -16.92 14.79
N THR B 58 5.11 -17.75 14.59
CA THR B 58 4.17 -17.57 13.50
C THR B 58 2.76 -17.88 14.00
N ASN B 59 1.79 -17.18 13.41
CA ASN B 59 0.39 -17.55 13.53
C ASN B 59 -0.22 -17.58 12.14
N TYR B 60 -0.88 -18.67 11.81
CA TYR B 60 -1.43 -18.82 10.48
C TYR B 60 -2.95 -18.82 10.59
N ASN B 61 -3.59 -18.28 9.57
CA ASN B 61 -5.01 -18.51 9.36
C ASN B 61 -5.29 -20.00 9.49
N PRO B 62 -6.10 -20.43 10.47
CA PRO B 62 -6.24 -21.88 10.69
C PRO B 62 -6.73 -22.62 9.48
N SER B 63 -7.46 -21.93 8.62
CA SER B 63 -8.01 -22.55 7.42
C SER B 63 -6.96 -22.81 6.36
N LEU B 64 -5.78 -22.19 6.48
CA LEU B 64 -4.68 -22.40 5.55
C LEU B 64 -3.50 -23.09 6.20
N LYS B 65 -3.65 -23.53 7.46
CA LYS B 65 -2.50 -23.90 8.28
C LYS B 65 -1.69 -25.02 7.67
N SER B 66 -2.33 -26.01 7.07
CA SER B 66 -1.60 -27.17 6.58
C SER B 66 -0.82 -26.89 5.31
N ARG B 67 -1.00 -25.72 4.68
CA ARG B 67 -0.34 -25.40 3.42
C ARG B 67 0.60 -24.20 3.48
N VAL B 68 0.63 -23.46 4.58
CA VAL B 68 1.32 -22.18 4.67
C VAL B 68 2.63 -22.36 5.43
N THR B 69 3.69 -21.72 4.93
CA THR B 69 4.91 -21.51 5.69
C THR B 69 5.32 -20.07 5.50
N ILE B 70 5.63 -19.37 6.58
CA ILE B 70 6.16 -18.02 6.52
C ILE B 70 7.53 -18.02 7.18
N SER B 71 8.48 -17.32 6.59
CA SER B 71 9.85 -17.29 7.08
C SER B 71 10.32 -15.86 7.19
N VAL B 72 11.42 -15.67 7.92
CA VAL B 72 12.10 -14.39 7.99
C VAL B 72 13.55 -14.61 7.61
N ASP B 73 14.11 -13.69 6.81
CA ASP B 73 15.52 -13.69 6.46
C ASP B 73 16.07 -12.33 6.89
N LYS B 74 16.49 -12.26 8.16
CA LYS B 74 17.02 -10.99 8.67
C LYS B 74 18.17 -10.48 7.83
N SER B 75 18.99 -11.39 7.29
CA SER B 75 20.16 -10.96 6.54
C SER B 75 19.80 -10.19 5.28
N LYS B 76 18.60 -10.42 4.73
CA LYS B 76 18.13 -9.66 3.58
C LYS B 76 17.01 -8.70 3.93
N ASN B 77 16.63 -8.62 5.21
CA ASN B 77 15.50 -7.82 5.66
C ASN B 77 14.26 -8.12 4.83
N GLN B 78 13.95 -9.41 4.73
CA GLN B 78 12.78 -9.90 4.03
C GLN B 78 12.07 -10.93 4.88
N PHE B 79 10.77 -11.07 4.64
CA PHE B 79 10.05 -12.27 5.05
C PHE B 79 9.36 -12.83 3.80
N SER B 80 8.91 -14.07 3.90
CA SER B 80 8.49 -14.78 2.71
C SER B 80 7.30 -15.68 3.01
N LEU B 81 6.55 -15.99 1.96
CA LEU B 81 5.40 -16.87 2.06
C LEU B 81 5.62 -18.06 1.13
N LYS B 82 5.31 -19.25 1.60
CA LYS B 82 5.23 -20.43 0.74
C LYS B 82 3.89 -21.08 0.99
N LEU B 83 3.13 -21.30 -0.08
CA LEU B 83 1.80 -21.87 0.01
C LEU B 83 1.75 -23.06 -0.93
N SER B 84 1.56 -24.27 -0.38
CA SER B 84 1.68 -25.48 -1.16
C SER B 84 0.34 -25.91 -1.75
N SER B 85 0.42 -26.86 -2.68
CA SER B 85 -0.76 -27.47 -3.33
C SER B 85 -1.76 -26.43 -3.81
N VAL B 86 -1.30 -25.46 -4.61
CA VAL B 86 -2.20 -24.39 -5.01
C VAL B 86 -3.31 -24.95 -5.87
N THR B 87 -4.47 -24.30 -5.80
CA THR B 87 -5.61 -24.54 -6.67
C THR B 87 -6.08 -23.19 -7.19
N ALA B 88 -7.07 -23.21 -8.07
CA ALA B 88 -7.66 -21.97 -8.53
C ALA B 88 -8.20 -21.12 -7.38
N ALA B 89 -8.51 -21.73 -6.24
CA ALA B 89 -8.97 -20.96 -5.10
C ALA B 89 -7.90 -20.04 -4.55
N ASP B 90 -6.65 -20.22 -4.93
CA ASP B 90 -5.57 -19.38 -4.43
C ASP B 90 -5.24 -18.24 -5.36
N THR B 91 -5.91 -18.15 -6.50
CA THR B 91 -5.76 -16.98 -7.36
C THR B 91 -6.23 -15.75 -6.64
N ALA B 92 -5.35 -14.76 -6.47
CA ALA B 92 -5.66 -13.60 -5.67
C ALA B 92 -4.50 -12.62 -5.75
N VAL B 93 -4.77 -11.39 -5.34
CA VAL B 93 -3.71 -10.42 -5.10
C VAL B 93 -3.16 -10.68 -3.71
N TYR B 94 -1.86 -10.83 -3.59
CA TYR B 94 -1.23 -11.12 -2.31
C TYR B 94 -0.52 -9.86 -1.81
N TYR B 95 -0.84 -9.45 -0.59
CA TYR B 95 -0.23 -8.27 0.03
C TYR B 95 0.66 -8.73 1.17
N CYS B 96 1.82 -8.09 1.33
CA CYS B 96 2.50 -8.19 2.62
C CYS B 96 2.28 -6.91 3.39
N ALA B 97 2.34 -7.02 4.71
CA ALA B 97 2.00 -5.89 5.57
C ALA B 97 2.78 -5.99 6.87
N ARG B 98 2.99 -4.84 7.51
CA ARG B 98 3.53 -4.78 8.86
C ARG B 98 2.50 -4.14 9.79
N GLY B 99 2.42 -4.63 11.02
CA GLY B 99 1.51 -4.05 11.97
C GLY B 99 1.69 -4.65 13.34
N SER B 100 0.66 -4.50 14.17
CA SER B 100 0.63 -5.02 15.53
C SER B 100 1.83 -4.51 16.33
N SER B 101 1.95 -3.18 16.38
CA SER B 101 3.09 -2.54 17.03
C SER B 101 3.07 -2.81 18.53
N SER B 102 4.21 -3.22 19.08
CA SER B 102 4.35 -3.29 20.53
C SER B 102 4.28 -1.92 21.17
N TRP B 103 4.66 -0.87 20.43
CA TRP B 103 4.72 0.46 21.01
C TRP B 103 3.34 1.08 21.12
N TYR B 104 2.65 1.24 19.99
CA TYR B 104 1.33 1.84 19.97
C TYR B 104 0.50 1.06 18.95
N ASP B 105 -0.47 0.29 19.43
CA ASP B 105 -1.24 -0.57 18.55
C ASP B 105 -2.15 0.25 17.65
N LEU B 106 -2.01 0.08 16.34
CA LEU B 106 -2.95 0.59 15.35
C LEU B 106 -3.70 -0.53 14.64
N GLY B 107 -3.51 -1.77 15.07
CA GLY B 107 -4.06 -2.90 14.38
C GLY B 107 -2.99 -3.68 13.67
N PRO B 108 -3.39 -4.73 12.96
CA PRO B 108 -2.42 -5.65 12.37
C PRO B 108 -1.83 -5.21 11.04
N PHE B 109 -2.38 -4.20 10.37
CA PHE B 109 -1.95 -3.82 9.04
C PHE B 109 -1.74 -2.32 9.01
N ASP B 110 -0.62 -1.87 9.58
CA ASP B 110 -0.28 -0.46 9.55
C ASP B 110 0.25 -0.04 8.18
N TYR B 111 1.04 -0.91 7.55
CA TYR B 111 1.69 -0.60 6.29
C TYR B 111 1.52 -1.77 5.36
N TRP B 112 1.24 -1.48 4.09
CA TRP B 112 0.92 -2.47 3.08
C TRP B 112 1.91 -2.40 1.93
N GLY B 113 2.27 -3.55 1.38
CA GLY B 113 2.90 -3.58 0.09
C GLY B 113 1.90 -3.15 -0.96
N GLN B 114 2.38 -3.08 -2.20
CA GLN B 114 1.49 -2.76 -3.30
C GLN B 114 0.62 -3.95 -3.72
N GLY B 115 1.04 -5.17 -3.40
CA GLY B 115 0.28 -6.35 -3.78
C GLY B 115 0.70 -6.88 -5.13
N THR B 116 0.77 -8.19 -5.28
CA THR B 116 1.14 -8.83 -6.54
C THR B 116 0.06 -9.85 -6.89
N LEU B 117 -0.39 -9.85 -8.13
CA LEU B 117 -1.39 -10.82 -8.54
C LEU B 117 -0.72 -12.15 -8.80
N VAL B 118 -1.25 -13.22 -8.20
CA VAL B 118 -0.82 -14.59 -8.49
C VAL B 118 -2.00 -15.32 -9.12
N THR B 119 -1.79 -15.87 -10.30
CA THR B 119 -2.82 -16.64 -10.98
C THR B 119 -2.46 -18.11 -10.89
N VAL B 120 -3.38 -18.92 -10.40
CA VAL B 120 -3.20 -20.36 -10.37
C VAL B 120 -3.99 -20.95 -11.52
N SER B 121 -3.32 -21.70 -12.39
CA SER B 121 -3.96 -22.17 -13.60
C SER B 121 -3.10 -23.23 -14.25
N SER B 122 -3.74 -24.09 -15.03
CA SER B 122 -3.03 -25.08 -15.81
C SER B 122 -2.58 -24.56 -17.16
N ALA B 123 -3.05 -23.38 -17.56
CA ALA B 123 -2.66 -22.77 -18.83
C ALA B 123 -1.27 -22.17 -18.73
N SER B 124 -0.60 -22.09 -19.87
CA SER B 124 0.78 -21.66 -19.90
C SER B 124 0.88 -20.16 -20.13
N THR B 125 1.96 -19.59 -19.61
CA THR B 125 2.26 -18.18 -19.83
C THR B 125 2.36 -17.88 -21.32
N LYS B 126 1.89 -16.70 -21.71
CA LYS B 126 2.05 -16.20 -23.07
C LYS B 126 2.41 -14.73 -22.95
N GLY B 127 3.46 -14.33 -23.61
CA GLY B 127 3.83 -12.94 -23.64
C GLY B 127 3.00 -12.17 -24.64
N PRO B 128 3.03 -10.86 -24.52
CA PRO B 128 2.14 -10.02 -25.32
C PRO B 128 2.74 -9.65 -26.66
N SER B 129 1.85 -9.43 -27.63
CA SER B 129 2.20 -8.78 -28.89
C SER B 129 1.73 -7.33 -28.80
N VAL B 130 2.64 -6.40 -29.02
CA VAL B 130 2.38 -4.98 -28.82
C VAL B 130 2.27 -4.32 -30.19
N PHE B 131 1.15 -3.65 -30.43
CA PHE B 131 1.02 -2.95 -31.70
C PHE B 131 0.79 -1.47 -31.45
N PRO B 132 1.33 -0.59 -32.28
CA PRO B 132 1.12 0.84 -32.07
C PRO B 132 -0.26 1.27 -32.54
N LEU B 133 -0.88 2.14 -31.74
CA LEU B 133 -2.15 2.77 -32.11
C LEU B 133 -1.82 4.17 -32.62
N ALA B 134 -1.62 4.26 -33.91
CA ALA B 134 -1.11 5.49 -34.50
C ALA B 134 -2.15 6.60 -34.40
N PRO B 135 -1.72 7.82 -34.04
CA PRO B 135 -2.63 8.96 -34.08
C PRO B 135 -2.87 9.38 -35.53
N SER B 136 -4.13 9.44 -35.93
CA SER B 136 -4.49 9.82 -37.28
C SER B 136 -5.31 11.10 -37.28
N SER B 137 -5.62 11.60 -38.47
CA SER B 137 -6.43 12.81 -38.58
C SER B 137 -7.84 12.64 -38.03
N LYS B 138 -8.22 11.46 -37.54
CA LYS B 138 -9.48 11.32 -36.81
C LYS B 138 -9.27 11.38 -35.30
N SER B 139 -8.16 10.79 -34.81
CA SER B 139 -7.84 10.72 -33.40
C SER B 139 -7.28 12.04 -32.85
N THR B 140 -7.73 13.16 -33.41
CA THR B 140 -7.36 14.47 -32.91
C THR B 140 -8.59 15.14 -32.32
N SER B 141 -8.36 15.88 -31.24
CA SER B 141 -9.33 16.74 -30.59
C SER B 141 -8.78 18.15 -30.61
N GLY B 142 -8.64 18.72 -31.81
CA GLY B 142 -8.09 20.05 -31.93
C GLY B 142 -6.62 20.06 -31.57
N GLY B 143 -6.26 20.80 -30.51
CA GLY B 143 -4.85 20.86 -30.12
C GLY B 143 -4.32 19.58 -29.55
N THR B 144 -5.20 18.64 -29.25
CA THR B 144 -4.89 17.43 -28.53
C THR B 144 -5.05 16.23 -29.45
N ALA B 145 -4.23 15.21 -29.22
CA ALA B 145 -4.26 14.02 -30.06
C ALA B 145 -4.05 12.80 -29.19
N ALA B 146 -4.74 11.71 -29.54
CA ALA B 146 -4.65 10.46 -28.81
C ALA B 146 -3.82 9.45 -29.60
N LEU B 147 -2.90 8.77 -28.91
CA LEU B 147 -2.14 7.69 -29.51
C LEU B 147 -1.96 6.62 -28.45
N GLY B 148 -1.73 5.39 -28.89
CA GLY B 148 -1.75 4.33 -27.89
C GLY B 148 -0.93 3.13 -28.29
N CYS B 149 -0.94 2.15 -27.39
CA CYS B 149 -0.35 0.83 -27.61
C CYS B 149 -1.42 -0.19 -27.37
N LEU B 150 -1.59 -1.12 -28.31
CA LEU B 150 -2.49 -2.25 -28.10
C LEU B 150 -1.65 -3.44 -27.66
N VAL B 151 -2.00 -4.02 -26.52
CA VAL B 151 -1.21 -5.08 -25.91
C VAL B 151 -2.06 -6.34 -25.97
N LYS B 152 -1.74 -7.24 -26.91
CA LYS B 152 -2.65 -8.30 -27.32
C LYS B 152 -2.20 -9.68 -26.87
N ASP B 153 -3.18 -10.46 -26.40
CA ASP B 153 -3.06 -11.91 -26.28
C ASP B 153 -1.92 -12.32 -25.34
N TYR B 154 -2.08 -11.97 -24.07
CA TYR B 154 -1.09 -12.31 -23.07
C TYR B 154 -1.78 -13.05 -21.93
N PHE B 155 -0.97 -13.80 -21.18
CA PHE B 155 -1.48 -14.51 -20.01
C PHE B 155 -0.31 -14.84 -19.10
N PRO B 156 -0.45 -14.69 -17.78
CA PRO B 156 -1.61 -14.11 -17.11
C PRO B 156 -1.48 -12.63 -16.86
N GLU B 157 -2.49 -12.01 -16.27
CA GLU B 157 -2.35 -10.64 -15.82
C GLU B 157 -1.20 -10.57 -14.82
N PRO B 158 -0.62 -9.38 -14.58
CA PRO B 158 -0.93 -8.09 -15.18
C PRO B 158 0.08 -7.62 -16.21
N VAL B 159 -0.35 -6.64 -17.00
CA VAL B 159 0.52 -5.86 -17.84
C VAL B 159 0.49 -4.43 -17.34
N THR B 160 1.64 -3.80 -17.30
CA THR B 160 1.75 -2.37 -17.00
C THR B 160 2.39 -1.65 -18.17
N VAL B 161 1.97 -0.40 -18.37
CA VAL B 161 2.45 0.41 -19.47
C VAL B 161 2.85 1.77 -18.92
N SER B 162 4.06 2.21 -19.24
CA SER B 162 4.45 3.60 -19.04
C SER B 162 4.80 4.18 -20.40
N TRP B 163 4.96 5.49 -20.45
CA TRP B 163 5.24 6.16 -21.71
C TRP B 163 6.54 6.95 -21.56
N ASN B 164 7.40 6.86 -22.57
CA ASN B 164 8.68 7.55 -22.59
C ASN B 164 9.43 7.33 -21.27
N SER B 165 9.42 6.08 -20.80
CA SER B 165 10.12 5.65 -19.60
C SER B 165 9.70 6.43 -18.36
N GLY B 166 8.46 6.90 -18.33
CA GLY B 166 7.95 7.60 -17.17
C GLY B 166 7.94 9.10 -17.31
N ALA B 167 8.66 9.66 -18.28
CA ALA B 167 8.63 11.10 -18.50
C ALA B 167 7.24 11.59 -18.85
N LEU B 168 6.40 10.72 -19.40
CA LEU B 168 5.06 11.07 -19.86
C LEU B 168 4.05 10.49 -18.88
N THR B 169 3.45 11.36 -18.09
CA THR B 169 2.60 10.99 -16.98
C THR B 169 1.19 11.51 -17.14
N SER B 170 1.04 12.81 -17.40
CA SER B 170 -0.25 13.39 -17.61
C SER B 170 -0.81 12.97 -18.95
N GLY B 171 -2.10 12.65 -18.97
CA GLY B 171 -2.75 12.21 -20.18
C GLY B 171 -2.78 10.71 -20.39
N VAL B 172 -2.09 9.95 -19.55
CA VAL B 172 -1.98 8.51 -19.76
C VAL B 172 -3.20 7.82 -19.17
N HIS B 173 -3.77 6.88 -19.93
CA HIS B 173 -4.84 6.03 -19.43
C HIS B 173 -4.59 4.61 -19.95
N THR B 174 -4.24 3.71 -19.04
CA THR B 174 -4.14 2.30 -19.37
C THR B 174 -5.43 1.64 -18.92
N PHE B 175 -6.08 0.93 -19.82
CA PHE B 175 -7.42 0.45 -19.56
C PHE B 175 -7.39 -0.93 -18.90
N PRO B 176 -8.42 -1.27 -18.12
CA PRO B 176 -8.57 -2.65 -17.67
C PRO B 176 -8.48 -3.60 -18.85
N ALA B 177 -7.92 -4.78 -18.63
CA ALA B 177 -7.76 -5.71 -19.72
C ALA B 177 -9.10 -6.35 -20.06
N VAL B 178 -9.19 -6.92 -21.25
CA VAL B 178 -10.35 -7.71 -21.64
C VAL B 178 -9.93 -9.16 -21.60
N LEU B 179 -10.79 -10.02 -21.09
CA LEU B 179 -10.55 -11.46 -21.09
C LEU B 179 -11.28 -12.04 -22.29
N GLN B 180 -10.52 -12.51 -23.27
CA GLN B 180 -11.07 -13.07 -24.49
C GLN B 180 -11.53 -14.51 -24.28
N SER B 181 -12.39 -14.98 -25.17
CA SER B 181 -12.89 -16.35 -25.08
C SER B 181 -11.78 -17.38 -25.20
N SER B 182 -10.62 -16.99 -25.74
CA SER B 182 -9.47 -17.88 -25.79
C SER B 182 -8.82 -18.09 -24.43
N GLY B 183 -9.16 -17.30 -23.42
CA GLY B 183 -8.45 -17.33 -22.17
C GLY B 183 -7.28 -16.36 -22.10
N LEU B 184 -7.06 -15.58 -23.14
CA LEU B 184 -5.96 -14.63 -23.21
C LEU B 184 -6.49 -13.22 -22.96
N TYR B 185 -5.61 -12.36 -22.47
CA TYR B 185 -6.00 -11.01 -22.17
C TYR B 185 -5.49 -10.06 -23.25
N SER B 186 -6.13 -8.91 -23.37
CA SER B 186 -5.62 -7.80 -24.14
C SER B 186 -5.97 -6.52 -23.40
N LEU B 187 -5.12 -5.51 -23.52
CA LEU B 187 -5.47 -4.18 -23.03
C LEU B 187 -4.92 -3.15 -24.00
N SER B 188 -5.38 -1.92 -23.86
CA SER B 188 -4.78 -0.79 -24.56
C SER B 188 -4.34 0.25 -23.53
N SER B 189 -3.33 1.01 -23.87
CA SER B 189 -2.98 2.18 -23.09
C SER B 189 -2.92 3.34 -24.05
N VAL B 190 -3.49 4.47 -23.67
CA VAL B 190 -3.56 5.60 -24.58
C VAL B 190 -3.06 6.82 -23.84
N VAL B 191 -2.41 7.72 -24.57
CA VAL B 191 -1.89 8.95 -24.00
C VAL B 191 -2.31 10.10 -24.89
N THR B 192 -2.66 11.23 -24.27
CA THR B 192 -3.08 12.41 -24.99
C THR B 192 -1.93 13.39 -25.08
N VAL B 193 -1.63 13.83 -26.29
CA VAL B 193 -0.47 14.67 -26.54
C VAL B 193 -0.90 15.85 -27.42
N PRO B 194 -0.10 16.90 -27.48
CA PRO B 194 -0.41 18.01 -28.38
C PRO B 194 -0.22 17.63 -29.84
N SER B 195 -1.21 18.00 -30.67
CA SER B 195 -1.20 17.65 -32.10
C SER B 195 0.04 18.17 -32.80
N SER B 196 0.59 19.30 -32.35
CA SER B 196 1.73 19.90 -33.03
C SER B 196 3.00 19.09 -32.82
N SER B 197 3.21 18.60 -31.60
CA SER B 197 4.42 17.88 -31.25
C SER B 197 4.60 16.58 -32.02
N LEU B 198 3.61 16.16 -32.81
CA LEU B 198 3.67 14.85 -33.45
C LEU B 198 4.85 14.71 -34.40
N GLY B 199 5.28 15.82 -35.02
CA GLY B 199 6.42 15.75 -35.91
C GLY B 199 7.75 15.71 -35.20
N THR B 200 7.83 16.32 -34.02
CA THR B 200 9.08 16.43 -33.27
C THR B 200 9.20 15.32 -32.23
N GLN B 201 8.29 15.31 -31.27
CA GLN B 201 8.46 14.47 -30.09
C GLN B 201 8.19 13.01 -30.42
N THR B 202 9.09 12.14 -29.97
CA THR B 202 8.97 10.70 -30.16
C THR B 202 8.19 10.10 -28.99
N TYR B 203 7.27 9.21 -29.29
CA TYR B 203 6.45 8.57 -28.26
C TYR B 203 6.69 7.07 -28.29
N ILE B 204 7.00 6.52 -27.11
CA ILE B 204 7.33 5.11 -26.95
C ILE B 204 6.59 4.62 -25.71
N CYS B 205 5.80 3.56 -25.86
CA CYS B 205 5.17 2.95 -24.71
C CYS B 205 6.05 1.80 -24.25
N ASN B 206 6.17 1.65 -22.94
CA ASN B 206 7.04 0.67 -22.31
C ASN B 206 6.13 -0.36 -21.70
N VAL B 207 5.99 -1.50 -22.36
CA VAL B 207 5.12 -2.56 -21.92
C VAL B 207 5.93 -3.51 -21.06
N ASN B 208 5.42 -3.81 -19.87
CA ASN B 208 6.07 -4.73 -18.95
C ASN B 208 5.11 -5.88 -18.69
N HIS B 209 5.51 -7.10 -19.05
CA HIS B 209 4.73 -8.30 -18.74
C HIS B 209 5.58 -9.19 -17.87
N LYS B 210 5.61 -8.88 -16.58
CA LYS B 210 6.50 -9.58 -15.66
C LYS B 210 6.32 -11.10 -15.67
N PRO B 211 5.11 -11.67 -15.75
CA PRO B 211 5.00 -13.14 -15.75
C PRO B 211 5.74 -13.85 -16.87
N SER B 212 6.00 -13.21 -18.01
CA SER B 212 6.81 -13.82 -19.06
C SER B 212 8.19 -13.19 -19.16
N ASN B 213 8.57 -12.37 -18.17
CA ASN B 213 9.87 -11.69 -18.18
C ASN B 213 10.10 -10.96 -19.49
N THR B 214 9.05 -10.31 -19.99
CA THR B 214 9.06 -9.61 -21.25
C THR B 214 8.86 -8.11 -21.02
N LYS B 215 9.65 -7.30 -21.70
CA LYS B 215 9.40 -5.87 -21.82
C LYS B 215 9.48 -5.49 -23.29
N VAL B 216 8.49 -4.72 -23.75
CA VAL B 216 8.49 -4.23 -25.12
C VAL B 216 8.42 -2.71 -25.05
N ASP B 217 9.34 -2.05 -25.75
CA ASP B 217 9.28 -0.61 -25.94
C ASP B 217 8.94 -0.39 -27.40
N LYS B 218 7.70 0.04 -27.68
CA LYS B 218 7.20 0.19 -29.03
C LYS B 218 7.18 1.66 -29.40
N LYS B 219 7.86 2.01 -30.49
CA LYS B 219 7.78 3.37 -31.02
C LYS B 219 6.43 3.56 -31.68
N VAL B 220 5.74 4.64 -31.35
CA VAL B 220 4.42 4.94 -31.90
C VAL B 220 4.56 6.20 -32.73
N GLU B 221 4.30 6.08 -34.03
CA GLU B 221 4.55 7.20 -34.89
C GLU B 221 3.37 7.44 -35.81
N PRO B 222 3.17 8.68 -36.25
CA PRO B 222 1.99 8.99 -37.08
C PRO B 222 1.98 8.16 -38.35
N LYS B 223 0.79 8.01 -38.90
CA LYS B 223 0.58 7.09 -40.02
C LYS B 223 0.89 7.77 -41.35
N SER B 224 1.39 6.98 -42.30
CA SER B 224 1.65 7.46 -43.66
C SER B 224 0.37 7.50 -44.50
N SER C 1 -16.27 -15.05 4.56
CA SER C 1 -15.72 -14.20 5.62
C SER C 1 -16.31 -14.57 6.98
N VAL C 2 -15.49 -14.41 8.03
CA VAL C 2 -15.93 -14.77 9.38
C VAL C 2 -16.82 -13.69 9.98
N LEU C 3 -16.48 -12.41 9.80
CA LEU C 3 -17.37 -11.33 10.18
C LEU C 3 -18.38 -11.06 9.07
N THR C 4 -19.48 -10.42 9.43
CA THR C 4 -20.57 -10.15 8.48
C THR C 4 -20.80 -8.66 8.31
N GLN C 5 -20.67 -8.19 7.07
CA GLN C 5 -21.03 -6.85 6.62
C GLN C 5 -21.99 -6.93 5.44
N PRO C 6 -22.88 -5.95 5.30
CA PRO C 6 -23.65 -5.83 4.07
C PRO C 6 -22.73 -5.54 2.90
N PRO C 7 -22.92 -6.23 1.76
CA PRO C 7 -22.03 -6.00 0.62
C PRO C 7 -22.08 -4.58 0.07
N SER C 8 -23.16 -3.84 0.29
CA SER C 8 -23.26 -2.50 -0.27
C SER C 8 -23.97 -1.57 0.70
N ALA C 9 -23.71 -0.28 0.51
CA ALA C 9 -24.38 0.78 1.24
C ALA C 9 -24.52 1.98 0.32
N SER C 10 -25.58 2.76 0.55
CA SER C 10 -25.90 3.93 -0.27
C SER C 10 -25.98 5.16 0.59
N GLY C 11 -25.98 6.31 -0.08
CA GLY C 11 -26.25 7.58 0.57
C GLY C 11 -26.13 8.71 -0.42
N THR C 12 -27.00 9.71 -0.31
CA THR C 12 -26.84 10.93 -1.09
C THR C 12 -25.88 11.86 -0.36
N PRO C 13 -25.23 12.78 -1.07
CA PRO C 13 -24.14 13.54 -0.44
C PRO C 13 -24.65 14.42 0.67
N GLY C 14 -23.83 14.53 1.73
CA GLY C 14 -24.21 15.21 2.93
C GLY C 14 -24.86 14.34 3.99
N GLN C 15 -25.44 13.20 3.59
CA GLN C 15 -26.09 12.32 4.54
C GLN C 15 -25.10 11.70 5.51
N ARG C 16 -25.65 10.95 6.45
CA ARG C 16 -24.90 10.08 7.34
C ARG C 16 -25.20 8.64 6.96
N VAL C 17 -24.15 7.85 6.73
CA VAL C 17 -24.27 6.44 6.40
C VAL C 17 -23.58 5.63 7.48
N THR C 18 -24.13 4.48 7.82
CA THR C 18 -23.49 3.56 8.75
C THR C 18 -23.25 2.22 8.07
N ILE C 19 -22.15 1.60 8.42
CA ILE C 19 -21.78 0.29 7.91
C ILE C 19 -21.61 -0.62 9.12
N SER C 20 -22.43 -1.66 9.20
CA SER C 20 -22.41 -2.57 10.33
C SER C 20 -21.45 -3.72 10.09
N CYS C 21 -21.14 -4.43 11.17
CA CYS C 21 -20.19 -5.54 11.15
C CYS C 21 -20.54 -6.42 12.33
N SER C 22 -20.91 -7.67 12.09
CA SER C 22 -21.35 -8.57 13.15
C SER C 22 -20.39 -9.75 13.27
N GLY C 23 -19.98 -10.03 14.49
CA GLY C 23 -19.20 -11.20 14.78
C GLY C 23 -19.84 -12.00 15.89
N SER C 24 -19.01 -12.73 16.60
CA SER C 24 -19.42 -13.59 17.69
C SER C 24 -18.68 -13.18 18.95
N SER C 25 -18.98 -13.86 20.04
CA SER C 25 -18.31 -13.56 21.30
C SER C 25 -16.81 -13.77 21.21
N SER C 26 -16.33 -14.59 20.27
CA SER C 26 -14.91 -14.94 20.25
C SER C 26 -14.06 -13.96 19.46
N ASN C 27 -14.66 -13.14 18.58
CA ASN C 27 -13.90 -12.07 17.96
C ASN C 27 -14.35 -10.69 18.45
N ILE C 28 -15.40 -10.11 17.83
CA ILE C 28 -15.80 -8.74 18.17
C ILE C 28 -16.17 -8.63 19.65
N GLY C 29 -16.79 -9.67 20.21
CA GLY C 29 -17.18 -9.62 21.60
C GLY C 29 -16.01 -9.59 22.56
N SER C 30 -14.84 -10.05 22.11
CA SER C 30 -13.65 -10.15 22.96
C SER C 30 -12.59 -9.11 22.66
N ASN C 31 -12.46 -8.67 21.41
CA ASN C 31 -11.28 -7.94 20.96
C ASN C 31 -11.67 -6.65 20.28
N TYR C 32 -10.65 -5.82 20.03
CA TYR C 32 -10.83 -4.58 19.32
C TYR C 32 -11.18 -4.82 17.87
N VAL C 33 -11.91 -3.88 17.28
CA VAL C 33 -12.25 -3.91 15.87
C VAL C 33 -11.47 -2.81 15.16
N TYR C 34 -11.05 -3.10 13.93
CA TYR C 34 -10.32 -2.15 13.10
C TYR C 34 -11.01 -2.05 11.76
N TRP C 35 -11.03 -0.84 11.20
CA TRP C 35 -11.65 -0.59 9.91
C TRP C 35 -10.60 -0.18 8.89
N TYR C 36 -10.75 -0.69 7.67
CA TYR C 36 -9.87 -0.33 6.58
C TYR C 36 -10.69 0.15 5.39
N GLN C 37 -10.19 1.18 4.72
CA GLN C 37 -10.78 1.71 3.51
C GLN C 37 -9.88 1.34 2.34
N GLN C 38 -10.47 0.76 1.29
CA GLN C 38 -9.73 0.38 0.10
C GLN C 38 -10.31 1.13 -1.09
N LEU C 39 -9.47 1.85 -1.81
CA LEU C 39 -9.87 2.51 -3.03
C LEU C 39 -9.59 1.58 -4.22
N PRO C 40 -10.20 1.85 -5.37
CA PRO C 40 -9.93 1.04 -6.56
C PRO C 40 -8.46 0.78 -6.84
N GLY C 41 -8.05 -0.49 -6.89
CA GLY C 41 -6.71 -0.80 -7.34
C GLY C 41 -5.60 -0.39 -6.40
N THR C 42 -5.91 -0.15 -5.13
CA THR C 42 -4.91 0.22 -4.14
C THR C 42 -5.07 -0.71 -2.93
N ALA C 43 -4.00 -0.80 -2.13
CA ALA C 43 -4.06 -1.56 -0.89
C ALA C 43 -5.00 -0.87 0.12
N PRO C 44 -5.56 -1.62 1.05
CA PRO C 44 -6.37 -1.01 2.11
C PRO C 44 -5.56 -0.06 2.98
N LYS C 45 -6.26 0.89 3.59
CA LYS C 45 -5.68 1.91 4.47
C LYS C 45 -6.43 1.91 5.78
N LEU C 46 -5.71 1.92 6.89
CA LEU C 46 -6.37 1.95 8.20
C LEU C 46 -7.24 3.20 8.29
N LEU C 47 -8.46 3.01 8.78
CA LEU C 47 -9.42 4.09 8.91
C LEU C 47 -9.82 4.34 10.36
N ILE C 48 -10.13 3.28 11.10
CA ILE C 48 -10.45 3.37 12.52
C ILE C 48 -9.70 2.23 13.21
N TYR C 49 -9.09 2.53 14.34
CA TYR C 49 -8.43 1.51 15.14
C TYR C 49 -8.99 1.52 16.55
N ARG C 50 -8.95 0.35 17.20
CA ARG C 50 -9.46 0.17 18.56
C ARG C 50 -10.87 0.74 18.69
N ASN C 51 -11.77 0.19 17.88
CA ASN C 51 -13.19 0.49 17.88
C ASN C 51 -13.51 1.91 17.42
N ASN C 52 -12.78 2.91 17.92
CA ASN C 52 -13.22 4.28 17.68
C ASN C 52 -12.12 5.32 17.56
N GLN C 53 -10.86 4.95 17.35
CA GLN C 53 -9.78 5.92 17.27
C GLN C 53 -9.44 6.21 15.81
N ARG C 54 -9.15 7.49 15.52
CA ARG C 54 -8.81 7.87 14.15
C ARG C 54 -7.32 8.10 14.00
N PRO C 55 -6.68 7.45 13.03
CA PRO C 55 -5.27 7.72 12.75
C PRO C 55 -5.14 9.05 12.01
N SER C 56 -3.89 9.41 11.69
CA SER C 56 -3.62 10.69 11.04
C SER C 56 -4.25 10.75 9.66
N GLY C 57 -4.98 11.83 9.40
CA GLY C 57 -5.55 12.06 8.09
C GLY C 57 -6.97 11.59 7.91
N VAL C 58 -7.61 11.08 8.95
CA VAL C 58 -9.02 10.68 8.87
C VAL C 58 -9.85 11.76 9.50
N PRO C 59 -10.66 12.50 8.74
CA PRO C 59 -11.48 13.57 9.30
C PRO C 59 -12.48 13.03 10.32
N ASP C 60 -12.97 13.93 11.17
CA ASP C 60 -13.83 13.53 12.27
C ASP C 60 -15.22 13.07 11.82
N ARG C 61 -15.56 13.22 10.54
CA ARG C 61 -16.83 12.72 10.05
C ARG C 61 -16.85 11.20 9.92
N PHE C 62 -15.68 10.55 10.02
CA PHE C 62 -15.60 9.10 10.21
C PHE C 62 -15.54 8.81 11.71
N SER C 63 -16.33 7.82 12.14
CA SER C 63 -16.32 7.42 13.53
C SER C 63 -16.79 5.97 13.63
N GLY C 64 -16.31 5.28 14.66
CA GLY C 64 -16.65 3.89 14.83
C GLY C 64 -17.14 3.64 16.23
N SER C 65 -17.91 2.58 16.42
CA SER C 65 -18.33 2.17 17.75
C SER C 65 -18.36 0.64 17.79
N LYS C 66 -18.57 0.11 18.99
CA LYS C 66 -18.66 -1.33 19.15
C LYS C 66 -19.58 -1.63 20.33
N SER C 67 -20.51 -2.56 20.13
CA SER C 67 -21.46 -2.93 21.17
C SER C 67 -21.67 -4.44 21.15
N GLY C 68 -21.29 -5.10 22.23
CA GLY C 68 -21.48 -6.54 22.29
C GLY C 68 -20.65 -7.23 21.23
N THR C 69 -21.32 -7.92 20.31
CA THR C 69 -20.65 -8.60 19.22
C THR C 69 -20.82 -7.89 17.88
N SER C 70 -21.12 -6.58 17.91
CA SER C 70 -21.30 -5.78 16.71
C SER C 70 -20.43 -4.53 16.78
N ALA C 71 -20.01 -4.06 15.60
CA ALA C 71 -19.27 -2.84 15.44
C ALA C 71 -19.89 -2.04 14.31
N SER C 72 -19.67 -0.73 14.34
CA SER C 72 -20.35 0.12 13.38
C SER C 72 -19.42 1.24 12.93
N LEU C 73 -19.38 1.48 11.62
CA LEU C 73 -18.68 2.62 11.05
C LEU C 73 -19.71 3.66 10.63
N ALA C 74 -19.55 4.89 11.10
CA ALA C 74 -20.43 6.00 10.74
C ALA C 74 -19.66 7.01 9.90
N ILE C 75 -20.25 7.43 8.79
CA ILE C 75 -19.73 8.48 7.92
C ILE C 75 -20.81 9.54 7.82
N SER C 76 -20.59 10.68 8.46
CA SER C 76 -21.47 11.83 8.30
C SER C 76 -20.87 12.80 7.28
N GLY C 77 -21.71 13.68 6.77
CA GLY C 77 -21.27 14.62 5.76
C GLY C 77 -20.67 13.88 4.58
N LEU C 78 -21.42 12.90 4.07
CA LEU C 78 -20.97 12.05 2.99
C LEU C 78 -20.53 12.86 1.79
N ARG C 79 -19.34 12.55 1.28
CA ARG C 79 -18.74 13.21 0.15
C ARG C 79 -18.47 12.20 -0.96
N SER C 80 -18.32 12.71 -2.18
CA SER C 80 -18.08 11.84 -3.33
C SER C 80 -16.79 11.05 -3.19
N GLU C 81 -15.76 11.63 -2.57
CA GLU C 81 -14.49 10.93 -2.40
C GLU C 81 -14.59 9.75 -1.44
N ASP C 82 -15.73 9.55 -0.78
CA ASP C 82 -15.89 8.43 0.14
C ASP C 82 -16.27 7.13 -0.55
N GLU C 83 -16.58 7.15 -1.85
CA GLU C 83 -16.85 5.91 -2.57
C GLU C 83 -15.64 5.00 -2.45
N ALA C 84 -15.80 3.92 -1.70
CA ALA C 84 -14.71 2.97 -1.49
C ALA C 84 -15.31 1.68 -0.98
N ASP C 85 -14.44 0.69 -0.73
CA ASP C 85 -14.81 -0.53 -0.03
C ASP C 85 -14.31 -0.44 1.40
N TYR C 86 -15.16 -0.82 2.36
CA TYR C 86 -14.86 -0.69 3.78
C TYR C 86 -14.90 -2.07 4.43
N TYR C 87 -13.84 -2.39 5.19
CA TYR C 87 -13.63 -3.69 5.81
C TYR C 87 -13.40 -3.57 7.31
N CYS C 88 -14.06 -4.42 8.09
CA CYS C 88 -13.79 -4.56 9.51
C CYS C 88 -12.89 -5.76 9.75
N ALA C 89 -12.10 -5.69 10.81
CA ALA C 89 -11.19 -6.77 11.13
C ALA C 89 -11.06 -6.87 12.65
N ALA C 90 -10.92 -8.10 13.12
CA ALA C 90 -10.77 -8.33 14.54
C ALA C 90 -10.07 -9.66 14.74
N TRP C 91 -9.43 -9.81 15.89
CA TRP C 91 -8.82 -11.07 16.24
C TRP C 91 -9.88 -12.02 16.76
N ASP C 92 -9.81 -13.27 16.33
CA ASP C 92 -10.79 -14.28 16.77
C ASP C 92 -10.07 -15.25 17.69
N GLU C 93 -10.52 -15.29 18.96
CA GLU C 93 -9.85 -16.09 19.98
C GLU C 93 -9.98 -17.59 19.71
N ARG C 94 -11.05 -18.02 19.04
CA ARG C 94 -11.28 -19.46 18.83
C ARG C 94 -10.51 -19.99 17.64
N LEU C 95 -10.42 -19.20 16.57
CA LEU C 95 -9.61 -19.55 15.43
C LEU C 95 -8.15 -19.17 15.62
N SER C 96 -7.86 -18.29 16.58
CA SER C 96 -6.52 -17.73 16.77
C SER C 96 -5.98 -17.14 15.45
N GLY C 97 -6.72 -16.19 14.92
CA GLY C 97 -6.31 -15.53 13.70
C GLY C 97 -7.10 -14.27 13.49
N TRP C 98 -6.63 -13.46 12.54
CA TRP C 98 -7.34 -12.25 12.14
C TRP C 98 -8.45 -12.60 11.17
N VAL C 99 -9.63 -12.07 11.41
CA VAL C 99 -10.77 -12.32 10.55
C VAL C 99 -11.30 -10.98 10.06
N PHE C 100 -11.95 -11.02 8.89
CA PHE C 100 -12.45 -9.84 8.20
C PHE C 100 -13.95 -9.96 7.99
N GLY C 101 -14.59 -8.82 7.75
CA GLY C 101 -15.88 -8.85 7.12
C GLY C 101 -15.71 -9.01 5.62
N GLY C 102 -16.82 -9.28 4.94
CA GLY C 102 -16.73 -9.37 3.49
C GLY C 102 -16.51 -8.04 2.79
N GLY C 103 -16.61 -6.93 3.50
CA GLY C 103 -16.45 -5.64 2.84
C GLY C 103 -17.77 -5.06 2.39
N THR C 104 -17.85 -3.73 2.45
CA THR C 104 -19.03 -2.99 2.03
C THR C 104 -18.62 -1.98 0.98
N LYS C 105 -19.20 -2.05 -0.21
CA LYS C 105 -18.98 -1.03 -1.22
C LYS C 105 -19.91 0.14 -0.97
N LEU C 106 -19.34 1.31 -0.78
CA LEU C 106 -20.11 2.51 -0.50
C LEU C 106 -20.27 3.30 -1.80
N THR C 107 -21.51 3.57 -2.17
CA THR C 107 -21.84 4.34 -3.36
C THR C 107 -22.44 5.67 -2.94
N VAL C 108 -21.94 6.76 -3.49
CA VAL C 108 -22.50 8.07 -3.24
C VAL C 108 -23.48 8.37 -4.38
N LEU C 109 -24.76 8.50 -4.03
CA LEU C 109 -25.86 8.63 -4.98
C LEU C 109 -26.04 10.09 -5.39
N GLY C 110 -26.78 10.28 -6.48
CA GLY C 110 -27.10 11.62 -6.93
C GLY C 110 -25.98 12.39 -7.57
N GLN C 111 -24.85 11.76 -7.85
CA GLN C 111 -23.80 12.42 -8.59
C GLN C 111 -24.24 12.59 -10.04
N PRO C 112 -23.71 13.59 -10.74
CA PRO C 112 -24.28 13.97 -12.04
C PRO C 112 -23.81 13.04 -13.16
N LYS C 113 -24.59 13.00 -14.22
CA LYS C 113 -24.23 12.17 -15.36
C LYS C 113 -23.00 12.74 -16.05
N ALA C 114 -22.21 11.87 -16.65
CA ALA C 114 -21.08 12.26 -17.47
C ALA C 114 -21.11 11.40 -18.72
N ALA C 115 -21.14 12.06 -19.87
CA ALA C 115 -21.12 11.33 -21.12
C ALA C 115 -19.73 10.73 -21.35
N PRO C 116 -19.66 9.55 -21.96
CA PRO C 116 -18.35 8.96 -22.24
C PRO C 116 -17.68 9.68 -23.39
N SER C 117 -16.35 9.75 -23.30
CA SER C 117 -15.56 10.07 -24.46
C SER C 117 -15.16 8.75 -25.07
N VAL C 118 -15.12 8.71 -26.40
CA VAL C 118 -14.96 7.47 -27.14
C VAL C 118 -13.85 7.66 -28.15
N THR C 119 -12.86 6.77 -28.11
CA THR C 119 -11.73 6.80 -29.04
C THR C 119 -11.71 5.47 -29.78
N LEU C 120 -11.65 5.52 -31.09
CA LEU C 120 -11.71 4.32 -31.91
C LEU C 120 -10.46 4.23 -32.75
N PHE C 121 -9.78 3.07 -32.69
CA PHE C 121 -8.57 2.90 -33.49
C PHE C 121 -8.76 1.79 -34.51
N PRO C 122 -8.25 1.96 -35.73
CA PRO C 122 -8.27 0.88 -36.71
C PRO C 122 -7.12 -0.09 -36.46
N PRO C 123 -7.11 -1.24 -37.15
CA PRO C 123 -5.93 -2.10 -37.10
C PRO C 123 -4.70 -1.35 -37.55
N SER C 124 -3.59 -1.59 -36.86
CA SER C 124 -2.31 -1.06 -37.28
C SER C 124 -1.77 -1.87 -38.45
N SER C 125 -0.85 -1.26 -39.21
CA SER C 125 -0.27 -1.99 -40.33
C SER C 125 0.55 -3.18 -39.86
N GLU C 126 1.23 -3.05 -38.70
CA GLU C 126 1.94 -4.19 -38.15
C GLU C 126 1.00 -5.37 -37.96
N GLU C 127 -0.16 -5.13 -37.32
CA GLU C 127 -1.06 -6.24 -37.07
C GLU C 127 -1.57 -6.84 -38.36
N LEU C 128 -1.86 -6.00 -39.35
CA LEU C 128 -2.30 -6.52 -40.63
C LEU C 128 -1.24 -7.42 -41.27
N GLN C 129 0.05 -7.04 -41.17
CA GLN C 129 1.10 -7.91 -41.70
C GLN C 129 1.09 -9.26 -41.00
N ALA C 130 0.66 -9.30 -39.75
CA ALA C 130 0.60 -10.56 -39.02
C ALA C 130 -0.68 -11.33 -39.29
N ASN C 131 -1.42 -10.97 -40.34
CA ASN C 131 -2.65 -11.64 -40.75
C ASN C 131 -3.74 -11.57 -39.69
N LYS C 132 -3.67 -10.58 -38.80
CA LYS C 132 -4.73 -10.31 -37.84
C LYS C 132 -5.20 -8.87 -38.01
N ALA C 133 -6.32 -8.55 -37.36
CA ALA C 133 -6.87 -7.21 -37.45
C ALA C 133 -7.78 -7.00 -36.26
N THR C 134 -7.51 -5.97 -35.47
CA THR C 134 -8.30 -5.69 -34.28
C THR C 134 -8.65 -4.22 -34.24
N LEU C 135 -9.93 -3.93 -34.07
CA LEU C 135 -10.39 -2.55 -33.86
C LEU C 135 -10.52 -2.31 -32.38
N VAL C 136 -10.05 -1.16 -31.92
CA VAL C 136 -9.98 -0.85 -30.49
C VAL C 136 -10.89 0.34 -30.21
N CYS C 137 -11.89 0.14 -29.36
CA CYS C 137 -12.82 1.21 -28.98
C CYS C 137 -12.71 1.45 -27.49
N LEU C 138 -12.24 2.62 -27.11
CA LEU C 138 -11.91 2.95 -25.73
C LEU C 138 -12.88 3.98 -25.21
N ILE C 139 -13.55 3.67 -24.10
CA ILE C 139 -14.67 4.43 -23.59
C ILE C 139 -14.34 4.86 -22.17
N SER C 140 -14.42 6.15 -21.88
CA SER C 140 -13.93 6.57 -20.56
C SER C 140 -14.67 7.79 -20.02
N ASP C 141 -14.54 7.96 -18.70
CA ASP C 141 -15.01 9.16 -17.98
C ASP C 141 -16.52 9.32 -18.03
N PHE C 142 -17.24 8.21 -17.97
CA PHE C 142 -18.69 8.25 -17.92
C PHE C 142 -19.17 7.87 -16.53
N TYR C 143 -20.30 8.43 -16.12
CA TYR C 143 -20.97 8.12 -14.87
C TYR C 143 -22.40 7.78 -15.16
N PRO C 144 -23.13 7.21 -14.21
CA PRO C 144 -23.61 5.83 -14.35
C PRO C 144 -22.61 4.94 -15.06
N GLY C 145 -22.11 3.92 -14.35
CA GLY C 145 -21.18 2.97 -14.92
C GLY C 145 -21.86 1.86 -15.69
N ALA C 146 -22.78 2.22 -16.57
CA ALA C 146 -23.36 1.25 -17.49
C ALA C 146 -23.33 1.86 -18.88
N VAL C 147 -22.81 1.13 -19.84
CA VAL C 147 -22.85 1.48 -21.26
C VAL C 147 -23.25 0.22 -22.00
N THR C 148 -23.80 0.41 -23.19
CA THR C 148 -23.83 -0.69 -24.15
C THR C 148 -23.07 -0.28 -25.39
N VAL C 149 -22.42 -1.26 -26.00
CA VAL C 149 -21.52 -1.03 -27.12
C VAL C 149 -21.98 -1.91 -28.28
N ALA C 150 -22.25 -1.28 -29.40
CA ALA C 150 -22.61 -2.00 -30.62
C ALA C 150 -21.57 -1.69 -31.67
N TRP C 151 -21.31 -2.66 -32.54
CA TRP C 151 -20.41 -2.45 -33.66
C TRP C 151 -21.17 -2.58 -34.96
N LYS C 152 -20.71 -1.85 -35.98
CA LYS C 152 -21.32 -1.87 -37.29
C LYS C 152 -20.25 -2.04 -38.35
N ALA C 153 -20.41 -3.03 -39.21
CA ALA C 153 -19.64 -3.11 -40.45
C ALA C 153 -20.48 -2.41 -41.53
N ASP C 154 -19.95 -1.31 -42.07
CA ASP C 154 -20.79 -0.37 -42.80
C ASP C 154 -22.00 -0.04 -41.94
N SER C 155 -23.17 -0.50 -42.34
CA SER C 155 -24.39 -0.25 -41.61
C SER C 155 -24.97 -1.48 -40.93
N SER C 156 -24.42 -2.64 -41.18
CA SER C 156 -24.97 -3.86 -40.60
C SER C 156 -24.36 -4.11 -39.24
N PRO C 157 -25.16 -4.42 -38.23
CA PRO C 157 -24.60 -4.76 -36.92
C PRO C 157 -23.67 -5.96 -37.00
N VAL C 158 -22.64 -5.93 -36.16
CA VAL C 158 -21.69 -7.03 -36.03
C VAL C 158 -21.73 -7.50 -34.59
N LYS C 159 -21.96 -8.80 -34.38
CA LYS C 159 -21.84 -9.39 -33.05
C LYS C 159 -20.68 -10.36 -32.91
N ALA C 160 -20.32 -11.05 -34.01
CA ALA C 160 -19.23 -12.00 -33.98
C ALA C 160 -17.90 -11.27 -33.95
N GLY C 161 -17.05 -11.63 -32.97
CA GLY C 161 -15.73 -11.04 -32.84
C GLY C 161 -15.64 -9.94 -31.81
N VAL C 162 -16.71 -9.67 -31.08
CA VAL C 162 -16.76 -8.54 -30.14
C VAL C 162 -16.47 -9.06 -28.74
N GLU C 163 -15.47 -8.45 -28.10
CA GLU C 163 -15.18 -8.65 -26.68
C GLU C 163 -15.25 -7.29 -26.02
N THR C 164 -16.08 -7.15 -24.99
CA THR C 164 -16.34 -5.88 -24.34
C THR C 164 -16.15 -6.06 -22.84
N THR C 165 -15.35 -5.18 -22.22
CA THR C 165 -15.13 -5.30 -20.79
C THR C 165 -16.32 -4.78 -20.00
N THR C 166 -16.43 -5.24 -18.76
CA THR C 166 -17.38 -4.61 -17.86
C THR C 166 -16.83 -3.27 -17.40
N PRO C 167 -17.70 -2.29 -17.15
CA PRO C 167 -17.22 -0.97 -16.76
C PRO C 167 -16.41 -1.05 -15.48
N SER C 168 -15.34 -0.28 -15.42
CA SER C 168 -14.41 -0.35 -14.31
C SER C 168 -14.29 1.04 -13.69
N LYS C 169 -14.41 1.12 -12.37
CA LYS C 169 -14.38 2.42 -11.73
C LYS C 169 -12.97 2.99 -11.79
N GLN C 170 -12.85 4.20 -12.32
CA GLN C 170 -11.59 4.91 -12.39
C GLN C 170 -11.27 5.55 -11.04
N SER C 171 -10.05 6.10 -10.94
CA SER C 171 -9.64 6.76 -9.71
C SER C 171 -10.42 8.06 -9.46
N ASN C 172 -11.02 8.65 -10.50
CA ASN C 172 -11.85 9.83 -10.37
C ASN C 172 -13.33 9.49 -10.20
N ASN C 173 -13.63 8.25 -9.82
CA ASN C 173 -14.96 7.69 -9.55
C ASN C 173 -15.89 7.71 -10.75
N LYS C 174 -15.42 8.09 -11.93
CA LYS C 174 -16.17 7.75 -13.14
C LYS C 174 -15.70 6.37 -13.59
N TYR C 175 -16.19 5.92 -14.74
CA TYR C 175 -15.92 4.56 -15.18
C TYR C 175 -15.21 4.55 -16.53
N ALA C 176 -14.59 3.41 -16.81
CA ALA C 176 -14.01 3.19 -18.13
C ALA C 176 -14.41 1.80 -18.61
N ALA C 177 -14.33 1.62 -19.92
CA ALA C 177 -14.64 0.33 -20.51
C ALA C 177 -13.96 0.30 -21.87
N SER C 178 -13.86 -0.90 -22.45
CA SER C 178 -13.30 -0.97 -23.78
C SER C 178 -13.90 -2.16 -24.51
N SER C 179 -13.89 -2.08 -25.83
CA SER C 179 -14.48 -3.10 -26.68
C SER C 179 -13.53 -3.38 -27.83
N TYR C 180 -13.34 -4.65 -28.13
CA TYR C 180 -12.42 -5.04 -29.18
C TYR C 180 -13.19 -5.83 -30.23
N LEU C 181 -12.94 -5.52 -31.50
CA LEU C 181 -13.54 -6.26 -32.61
C LEU C 181 -12.43 -6.94 -33.40
N SER C 182 -12.39 -8.27 -33.37
CA SER C 182 -11.40 -9.02 -34.11
C SER C 182 -11.94 -9.38 -35.48
N LEU C 183 -11.18 -9.03 -36.52
CA LEU C 183 -11.52 -9.32 -37.90
C LEU C 183 -10.35 -10.02 -38.57
N THR C 184 -10.64 -10.75 -39.64
CA THR C 184 -9.59 -11.09 -40.58
C THR C 184 -9.22 -9.85 -41.37
N PRO C 185 -7.98 -9.72 -41.83
CA PRO C 185 -7.63 -8.58 -42.67
C PRO C 185 -8.54 -8.45 -43.87
N GLU C 186 -9.01 -9.57 -44.41
CA GLU C 186 -9.90 -9.54 -45.56
C GLU C 186 -11.19 -8.81 -45.23
N GLN C 187 -11.84 -9.20 -44.12
CA GLN C 187 -13.05 -8.52 -43.68
C GLN C 187 -12.83 -7.02 -43.56
N TRP C 188 -11.71 -6.63 -42.93
CA TRP C 188 -11.45 -5.22 -42.70
C TRP C 188 -11.40 -4.43 -44.01
N LYS C 189 -10.82 -5.02 -45.05
CA LYS C 189 -10.63 -4.30 -46.31
C LYS C 189 -11.83 -4.37 -47.24
N SER C 190 -12.74 -5.31 -47.02
CA SER C 190 -13.88 -5.49 -47.91
C SER C 190 -15.09 -4.64 -47.54
N HIS C 191 -15.00 -3.84 -46.49
CA HIS C 191 -16.07 -2.92 -46.13
C HIS C 191 -15.57 -1.49 -46.25
N ARG C 192 -16.51 -0.55 -46.31
CA ARG C 192 -16.13 0.85 -46.43
C ARG C 192 -15.78 1.44 -45.06
N SER C 193 -16.33 0.88 -43.99
CA SER C 193 -16.08 1.44 -42.66
C SER C 193 -16.59 0.45 -41.61
N TYR C 194 -16.04 0.59 -40.41
CA TYR C 194 -16.59 -0.03 -39.22
C TYR C 194 -16.86 1.08 -38.20
N SER C 195 -17.84 0.86 -37.35
CA SER C 195 -18.25 1.88 -36.38
C SER C 195 -18.33 1.26 -35.00
N CYS C 196 -17.92 2.04 -34.01
CA CYS C 196 -18.13 1.71 -32.60
C CYS C 196 -19.21 2.66 -32.07
N GLN C 197 -20.33 2.09 -31.65
CA GLN C 197 -21.49 2.86 -31.22
C GLN C 197 -21.68 2.60 -29.74
N VAL C 198 -21.67 3.66 -28.94
CA VAL C 198 -21.67 3.55 -27.49
C VAL C 198 -22.88 4.31 -26.96
N THR C 199 -23.75 3.61 -26.25
CA THR C 199 -24.95 4.21 -25.73
C THR C 199 -24.81 4.40 -24.23
N HIS C 200 -25.23 5.55 -23.73
CA HIS C 200 -25.07 5.81 -22.30
C HIS C 200 -26.17 6.76 -21.87
N GLU C 201 -27.09 6.27 -21.05
CA GLU C 201 -28.23 7.03 -20.60
C GLU C 201 -29.08 7.50 -21.80
N GLY C 202 -29.20 6.65 -22.81
CA GLY C 202 -30.05 6.97 -23.94
C GLY C 202 -29.49 7.95 -24.95
N SER C 203 -28.25 8.41 -24.76
CA SER C 203 -27.55 9.17 -25.78
C SER C 203 -26.41 8.32 -26.31
N THR C 204 -26.10 8.49 -27.59
CA THR C 204 -25.17 7.60 -28.27
C THR C 204 -24.07 8.41 -28.93
N VAL C 205 -22.83 7.95 -28.74
CA VAL C 205 -21.65 8.44 -29.44
C VAL C 205 -21.18 7.32 -30.35
N GLU C 206 -20.96 7.64 -31.62
CA GLU C 206 -20.51 6.65 -32.58
C GLU C 206 -19.29 7.19 -33.30
N LYS C 207 -18.19 6.46 -33.24
CA LYS C 207 -17.00 6.77 -34.02
C LYS C 207 -16.84 5.73 -35.11
N THR C 208 -16.25 6.13 -36.23
CA THR C 208 -16.14 5.27 -37.39
C THR C 208 -14.72 5.33 -37.95
N VAL C 209 -14.17 4.17 -38.30
CA VAL C 209 -12.89 4.10 -38.99
C VAL C 209 -13.06 3.36 -40.30
N ALA C 210 -12.27 3.76 -41.30
CA ALA C 210 -12.21 3.14 -42.62
C ALA C 210 -10.78 2.76 -42.94
N PRO C 211 -10.56 1.85 -43.90
CA PRO C 211 -9.21 1.50 -44.38
C PRO C 211 -8.45 2.62 -45.09
#